data_4LRU
#
_entry.id   4LRU
#
_cell.length_a   92.230
_cell.length_b   92.230
_cell.length_c   59.367
_cell.angle_alpha   90.00
_cell.angle_beta   90.00
_cell.angle_gamma   90.00
#
_symmetry.space_group_name_H-M   'P 42 21 2'
#
loop_
_entity.id
_entity.type
_entity.pdbx_description
1 polymer 'Glyoxalase III (glutathione-independent)'
2 non-polymer 1,2-ETHANEDIOL
3 non-polymer 'ACETATE ION'
4 water water
#
_entity_poly.entity_id   1
_entity_poly.type   'polypeptide(L)'
_entity_poly.pdbx_seq_one_letter_code
;GSHMVKVLLALTSYNETFYSDGKKTGVFVVEALHPFEVFRKKGYEIQLASETGTFGWDDHSVVPDFLNGEDKEIFDNVNS
EFNVALKNLKKASDLDPNDYDIFFGSAGHGTLFDYPNAKDLQKIATTVYDKGGVVSAVCHGPAIFENLNDPKTGEPLIKG
KKITGFTDIGEDILGVTDIMKKGNLLTIKQVAEKEGATYIEPEGPWDNFTVTDGRIVTGVNPQSAVKTAEDVIAAFECN
;
_entity_poly.pdbx_strand_id   A
#
loop_
_chem_comp.id
_chem_comp.type
_chem_comp.name
_chem_comp.formula
ACT non-polymer 'ACETATE ION' 'C2 H3 O2 -1'
EDO non-polymer 1,2-ETHANEDIOL 'C2 H6 O2'
#
# COMPACT_ATOMS: atom_id res chain seq x y z
N GLY A 1 16.16 11.03 -10.37
CA GLY A 1 14.85 11.71 -10.18
C GLY A 1 14.99 13.00 -9.42
N SER A 2 13.89 13.77 -9.36
CA SER A 2 13.87 15.05 -8.65
C SER A 2 12.59 15.16 -7.84
N HIS A 3 12.49 16.23 -7.05
CA HIS A 3 11.29 16.52 -6.29
C HIS A 3 10.13 17.02 -7.13
N MET A 4 10.34 17.18 -8.43
CA MET A 4 9.22 17.39 -9.31
C MET A 4 8.35 16.14 -9.43
N VAL A 5 8.92 14.97 -9.15
CA VAL A 5 8.13 13.76 -9.00
C VAL A 5 7.79 13.60 -7.54
N LYS A 6 6.50 13.64 -7.22
CA LYS A 6 6.04 13.49 -5.86
C LYS A 6 5.23 12.21 -5.73
N VAL A 7 5.68 11.37 -4.80
CA VAL A 7 5.04 10.13 -4.50
C VAL A 7 4.05 10.38 -3.36
N LEU A 8 2.80 9.99 -3.57
CA LEU A 8 1.85 9.87 -2.47
C LEU A 8 2.00 8.48 -1.89
N LEU A 9 2.62 8.42 -0.72
CA LEU A 9 2.76 7.17 0.00
C LEU A 9 1.63 7.08 1.02
N ALA A 10 0.61 6.28 0.68
CA ALA A 10 -0.58 6.14 1.51
C ALA A 10 -0.32 5.15 2.64
N LEU A 11 -0.81 5.50 3.83
CA LEU A 11 -0.84 4.65 5.00
C LEU A 11 -2.29 4.43 5.41
N THR A 12 -2.59 3.26 5.94
CA THR A 12 -3.89 3.07 6.60
C THR A 12 -4.02 3.92 7.86
N SER A 13 -5.25 4.37 8.10
CA SER A 13 -5.63 5.12 9.29
C SER A 13 -6.29 4.25 10.37
N TYR A 14 -6.52 2.98 10.07
CA TYR A 14 -7.20 2.08 10.99
C TYR A 14 -6.15 1.49 11.92
N ASN A 15 -6.39 1.59 13.22
CA ASN A 15 -5.41 1.12 14.22
C ASN A 15 -6.18 0.64 15.45
N GLU A 16 -6.51 -0.65 15.46
CA GLU A 16 -7.35 -1.24 16.50
C GLU A 16 -6.85 -2.64 16.79
N THR A 17 -7.15 -3.11 17.99
N THR A 17 -7.08 -3.10 18.01
CA THR A 17 -7.02 -4.54 18.33
CA THR A 17 -7.07 -4.52 18.33
C THR A 17 -7.73 -5.41 17.29
C THR A 17 -7.67 -5.32 17.18
N PHE A 18 -7.02 -6.41 16.80
CA PHE A 18 -7.39 -7.11 15.58
C PHE A 18 -7.07 -8.60 15.66
N TYR A 19 -5.84 -8.92 16.06
CA TYR A 19 -5.38 -10.31 16.10
C TYR A 19 -5.95 -11.06 17.30
N SER A 20 -5.98 -12.39 17.19
CA SER A 20 -6.40 -13.26 18.30
C SER A 20 -5.60 -13.06 19.57
N ASP A 21 -4.34 -12.66 19.44
CA ASP A 21 -3.48 -12.45 20.61
C ASP A 21 -3.72 -11.09 21.27
N GLY A 22 -4.67 -10.33 20.72
CA GLY A 22 -5.07 -9.06 21.31
C GLY A 22 -4.27 -7.87 20.80
N LYS A 23 -3.31 -8.12 19.91
CA LYS A 23 -2.48 -7.05 19.37
C LYS A 23 -3.23 -6.25 18.33
N LYS A 24 -2.74 -5.03 18.07
CA LYS A 24 -3.35 -4.15 17.08
C LYS A 24 -2.81 -4.35 15.67
N THR A 25 -3.66 -4.15 14.67
CA THR A 25 -3.18 -3.87 13.33
C THR A 25 -3.08 -2.37 13.10
N GLY A 26 -2.62 -2.02 11.91
CA GLY A 26 -2.26 -0.67 11.52
C GLY A 26 -1.29 -0.77 10.37
N VAL A 27 -0.35 0.17 10.31
CA VAL A 27 0.62 0.25 9.21
C VAL A 27 1.74 -0.76 9.47
N PHE A 28 2.02 -1.60 8.48
CA PHE A 28 3.12 -2.56 8.58
C PHE A 28 4.41 -1.84 8.25
N VAL A 29 5.26 -1.64 9.26
CA VAL A 29 6.34 -0.64 9.18
C VAL A 29 7.09 -0.68 7.86
N VAL A 30 7.68 -1.82 7.50
CA VAL A 30 8.56 -1.82 6.34
C VAL A 30 7.84 -1.62 5.01
N GLU A 31 6.52 -1.78 4.99
CA GLU A 31 5.75 -1.48 3.79
C GLU A 31 5.63 -0.01 3.49
N ALA A 32 5.84 0.82 4.51
CA ALA A 32 6.06 2.25 4.36
C ALA A 32 7.53 2.59 4.25
N LEU A 33 8.36 2.00 5.12
CA LEU A 33 9.78 2.37 5.20
C LEU A 33 10.55 1.97 3.93
N HIS A 34 10.41 0.73 3.49
CA HIS A 34 11.16 0.29 2.31
C HIS A 34 10.85 1.12 1.07
N PRO A 35 9.55 1.30 0.75
CA PRO A 35 9.28 2.10 -0.44
C PRO A 35 9.70 3.55 -0.27
N PHE A 36 9.54 4.10 0.93
CA PHE A 36 10.04 5.45 1.20
C PHE A 36 11.52 5.53 0.83
N GLU A 37 12.29 4.56 1.29
CA GLU A 37 13.73 4.62 1.06
C GLU A 37 14.10 4.43 -0.41
N VAL A 38 13.39 3.53 -1.10
CA VAL A 38 13.65 3.29 -2.52
C VAL A 38 13.40 4.58 -3.30
N PHE A 39 12.25 5.20 -3.07
CA PHE A 39 11.91 6.43 -3.76
C PHE A 39 12.82 7.60 -3.34
N ARG A 40 13.21 7.65 -2.07
CA ARG A 40 14.11 8.70 -1.62
C ARG A 40 15.46 8.58 -2.34
N LYS A 41 16.00 7.37 -2.38
CA LYS A 41 17.30 7.16 -3.00
C LYS A 41 17.25 7.47 -4.50
N LYS A 42 16.08 7.26 -5.09
CA LYS A 42 15.85 7.59 -6.50
C LYS A 42 15.83 9.10 -6.75
N GLY A 43 15.52 9.89 -5.72
CA GLY A 43 15.50 11.33 -5.82
C GLY A 43 14.14 12.00 -5.82
N TYR A 44 13.09 11.19 -5.71
CA TYR A 44 11.73 11.70 -5.69
C TYR A 44 11.42 12.35 -4.33
N GLU A 45 10.42 13.23 -4.32
CA GLU A 45 9.82 13.69 -3.09
C GLU A 45 8.74 12.72 -2.66
N ILE A 46 8.62 12.48 -1.37
CA ILE A 46 7.61 11.57 -0.87
C ILE A 46 6.73 12.26 0.17
N GLN A 47 5.43 12.26 -0.09
CA GLN A 47 4.43 12.75 0.86
C GLN A 47 3.66 11.57 1.45
N LEU A 48 3.78 11.37 2.76
CA LEU A 48 2.97 10.38 3.43
C LEU A 48 1.58 10.96 3.68
N ALA A 49 0.55 10.12 3.55
CA ALA A 49 -0.82 10.55 3.83
C ALA A 49 -1.64 9.37 4.32
N SER A 50 -2.61 9.65 5.19
CA SER A 50 -3.69 8.71 5.44
C SER A 50 -5.02 9.44 5.28
N GLU A 51 -6.12 8.69 5.31
CA GLU A 51 -7.41 9.30 5.05
C GLU A 51 -7.84 10.27 6.16
N THR A 52 -7.28 10.11 7.35
CA THR A 52 -7.61 10.97 8.48
C THR A 52 -6.45 11.89 8.93
N GLY A 53 -5.25 11.63 8.40
CA GLY A 53 -4.04 12.23 8.96
C GLY A 53 -3.49 11.56 10.20
N THR A 54 -4.12 10.46 10.63
CA THR A 54 -3.66 9.71 11.79
C THR A 54 -3.35 8.28 11.36
N PHE A 55 -2.55 7.60 12.17
CA PHE A 55 -2.20 6.20 11.94
C PHE A 55 -1.58 5.63 13.21
N GLY A 56 -1.48 4.30 13.23
CA GLY A 56 -0.64 3.61 14.20
C GLY A 56 0.01 2.38 13.57
N TRP A 57 1.06 1.88 14.21
CA TRP A 57 1.79 0.75 13.66
C TRP A 57 1.04 -0.55 13.93
N ASP A 58 1.14 -1.47 12.99
CA ASP A 58 0.74 -2.85 13.24
C ASP A 58 1.72 -3.47 14.25
N ASP A 59 1.22 -3.95 15.38
CA ASP A 59 2.10 -4.41 16.47
C ASP A 59 2.98 -5.59 16.02
N HIS A 60 2.47 -6.40 15.10
CA HIS A 60 3.25 -7.54 14.62
C HIS A 60 4.43 -7.11 13.73
N SER A 61 4.39 -5.87 13.25
CA SER A 61 5.41 -5.38 12.30
C SER A 61 6.61 -4.70 12.96
N VAL A 62 6.52 -4.44 14.26
CA VAL A 62 7.60 -3.76 14.99
C VAL A 62 8.55 -4.70 15.72
N VAL A 63 8.27 -6.00 15.68
CA VAL A 63 9.09 -6.99 16.37
C VAL A 63 10.44 -7.15 15.69
N PRO A 64 11.43 -7.64 16.44
CA PRO A 64 12.80 -7.76 15.91
C PRO A 64 12.88 -8.49 14.58
N ASP A 65 12.07 -9.53 14.40
CA ASP A 65 12.10 -10.30 13.14
C ASP A 65 11.76 -9.48 11.90
N PHE A 66 10.93 -8.45 12.06
CA PHE A 66 10.45 -7.68 10.93
C PHE A 66 11.04 -6.27 10.88
N LEU A 67 11.69 -5.87 11.98
CA LEU A 67 12.23 -4.53 12.08
C LEU A 67 13.60 -4.58 12.73
N ASN A 68 14.64 -4.56 11.91
CA ASN A 68 15.99 -4.82 12.39
C ASN A 68 17.00 -4.14 11.48
N GLY A 69 18.28 -4.26 11.82
CA GLY A 69 19.35 -3.78 10.95
C GLY A 69 19.22 -2.28 10.70
N GLU A 70 19.53 -1.86 9.48
N GLU A 70 19.55 -1.86 9.49
CA GLU A 70 19.51 -0.44 9.13
CA GLU A 70 19.51 -0.44 9.14
C GLU A 70 18.07 0.11 9.11
C GLU A 70 18.07 0.10 9.20
N ASP A 71 17.10 -0.74 8.85
CA ASP A 71 15.68 -0.34 8.91
C ASP A 71 15.36 0.18 10.31
N LYS A 72 15.78 -0.57 11.32
CA LYS A 72 15.47 -0.23 12.71
C LYS A 72 16.20 1.05 13.12
N GLU A 73 17.43 1.18 12.65
CA GLU A 73 18.21 2.38 12.90
C GLU A 73 17.46 3.61 12.39
N ILE A 74 16.96 3.50 11.16
CA ILE A 74 16.20 4.58 10.55
C ILE A 74 14.92 4.82 11.35
N PHE A 75 14.25 3.74 11.72
CA PHE A 75 13.03 3.85 12.49
C PHE A 75 13.26 4.54 13.85
N ASP A 76 14.38 4.25 14.50
CA ASP A 76 14.62 4.74 15.87
C ASP A 76 15.22 6.14 15.87
N ASN A 77 15.84 6.52 14.77
CA ASN A 77 16.51 7.82 14.68
C ASN A 77 15.46 8.90 14.37
N VAL A 78 15.10 9.70 15.38
CA VAL A 78 14.02 10.67 15.24
C VAL A 78 14.31 11.70 14.15
N ASN A 79 15.59 11.86 13.79
CA ASN A 79 15.98 12.81 12.76
C ASN A 79 16.15 12.20 11.38
N SER A 80 15.83 10.93 11.22
CA SER A 80 15.90 10.29 9.91
C SER A 80 14.89 10.92 8.97
N GLU A 81 15.18 10.88 7.67
CA GLU A 81 14.26 11.43 6.68
C GLU A 81 12.90 10.74 6.79
N PHE A 82 12.89 9.44 7.04
CA PHE A 82 11.64 8.69 7.27
C PHE A 82 10.81 9.31 8.40
N ASN A 83 11.45 9.56 9.54
CA ASN A 83 10.74 10.14 10.68
C ASN A 83 10.32 11.58 10.47
N VAL A 84 11.14 12.35 9.76
CA VAL A 84 10.72 13.69 9.35
C VAL A 84 9.46 13.59 8.51
N ALA A 85 9.43 12.63 7.58
CA ALA A 85 8.28 12.43 6.73
C ALA A 85 7.03 12.01 7.51
N LEU A 86 7.19 11.16 8.53
CA LEU A 86 6.08 10.80 9.39
C LEU A 86 5.51 12.02 10.10
N LYS A 87 6.39 12.88 10.61
CA LYS A 87 5.96 14.14 11.20
C LYS A 87 5.19 15.02 10.21
N ASN A 88 5.54 14.89 8.93
CA ASN A 88 4.92 15.70 7.88
C ASN A 88 3.72 15.01 7.22
N LEU A 89 3.33 13.86 7.76
CA LEU A 89 2.17 13.13 7.23
C LEU A 89 0.92 13.98 7.24
N LYS A 90 0.16 13.94 6.16
CA LYS A 90 -1.03 14.79 6.04
C LYS A 90 -2.31 13.99 5.89
N LYS A 91 -3.43 14.62 6.22
N LYS A 91 -3.44 14.62 6.23
CA LYS A 91 -4.74 14.09 5.87
CA LYS A 91 -4.74 14.09 5.87
C LYS A 91 -4.94 14.26 4.36
C LYS A 91 -4.94 14.26 4.36
N ALA A 92 -5.39 13.21 3.68
CA ALA A 92 -5.46 13.23 2.21
C ALA A 92 -6.26 14.41 1.66
N SER A 93 -7.36 14.75 2.32
CA SER A 93 -8.22 15.84 1.84
C SER A 93 -7.53 17.21 1.90
N ASP A 94 -6.47 17.34 2.70
CA ASP A 94 -5.71 18.58 2.77
C ASP A 94 -4.67 18.72 1.64
N LEU A 95 -4.61 17.73 0.75
CA LEU A 95 -3.64 17.74 -0.34
C LEU A 95 -4.32 18.02 -1.67
N ASP A 96 -3.55 18.53 -2.64
CA ASP A 96 -4.02 18.67 -4.01
C ASP A 96 -3.69 17.43 -4.81
N PRO A 97 -4.72 16.67 -5.22
CA PRO A 97 -4.43 15.41 -5.89
C PRO A 97 -3.59 15.55 -7.15
N ASN A 98 -3.62 16.72 -7.80
CA ASN A 98 -2.86 16.95 -9.04
C ASN A 98 -1.36 17.09 -8.79
N ASP A 99 -0.94 17.19 -7.53
CA ASP A 99 0.47 17.40 -7.23
C ASP A 99 1.29 16.10 -7.43
N TYR A 100 0.63 14.95 -7.43
CA TYR A 100 1.32 13.66 -7.31
C TYR A 100 1.44 12.94 -8.64
N ASP A 101 2.56 12.21 -8.81
CA ASP A 101 2.83 11.48 -10.04
C ASP A 101 2.86 9.96 -9.86
N ILE A 102 3.04 9.51 -8.63
CA ILE A 102 2.98 8.09 -8.26
C ILE A 102 2.10 7.99 -7.01
N PHE A 103 1.28 6.94 -6.96
CA PHE A 103 0.54 6.59 -5.77
C PHE A 103 1.05 5.23 -5.33
N PHE A 104 1.47 5.13 -4.08
CA PHE A 104 1.91 3.84 -3.52
C PHE A 104 1.17 3.53 -2.22
N GLY A 105 0.36 2.47 -2.24
CA GLY A 105 -0.36 2.03 -1.06
C GLY A 105 0.44 1.09 -0.19
N SER A 106 1.01 1.59 0.89
CA SER A 106 1.54 0.72 1.93
C SER A 106 0.37 0.05 2.60
N ALA A 107 0.62 -0.99 3.39
CA ALA A 107 -0.50 -1.67 3.99
C ALA A 107 -0.22 -2.15 5.41
N GLY A 108 -0.48 -3.42 5.66
CA GLY A 108 -0.96 -3.84 6.97
C GLY A 108 -2.43 -4.08 6.88
N HIS A 109 -2.96 -4.98 7.70
CA HIS A 109 -4.36 -5.38 7.61
C HIS A 109 -5.32 -4.20 7.86
N GLY A 110 -4.84 -3.14 8.49
CA GLY A 110 -5.69 -1.96 8.70
C GLY A 110 -6.31 -1.48 7.39
N THR A 111 -5.59 -1.60 6.29
CA THR A 111 -6.08 -1.11 5.00
C THR A 111 -7.42 -1.74 4.59
N LEU A 112 -7.70 -2.96 5.06
CA LEU A 112 -8.94 -3.64 4.75
C LEU A 112 -10.14 -2.84 5.25
N PHE A 113 -9.91 -2.05 6.29
CA PHE A 113 -10.99 -1.31 6.94
C PHE A 113 -11.25 0.04 6.27
N ASP A 114 -10.19 0.76 5.91
CA ASP A 114 -10.37 2.11 5.40
C ASP A 114 -10.13 2.32 3.92
N TYR A 115 -9.20 1.59 3.31
CA TYR A 115 -8.86 1.87 1.92
C TYR A 115 -10.06 1.77 0.95
N PRO A 116 -10.96 0.77 1.13
CA PRO A 116 -12.07 0.69 0.18
C PRO A 116 -13.03 1.88 0.16
N ASN A 117 -13.03 2.67 1.23
CA ASN A 117 -13.90 3.85 1.30
C ASN A 117 -13.11 5.13 1.50
N ALA A 118 -11.81 5.05 1.26
CA ALA A 118 -10.93 6.19 1.45
C ALA A 118 -10.95 7.06 0.20
N LYS A 119 -12.04 7.81 0.04
CA LYS A 119 -12.33 8.43 -1.24
C LYS A 119 -11.30 9.50 -1.61
N ASP A 120 -10.73 10.19 -0.63
CA ASP A 120 -9.71 11.19 -0.93
C ASP A 120 -8.40 10.55 -1.44
N LEU A 121 -7.89 9.54 -0.72
CA LEU A 121 -6.74 8.78 -1.23
C LEU A 121 -7.07 8.19 -2.60
N GLN A 122 -8.27 7.65 -2.76
CA GLN A 122 -8.66 7.06 -4.03
C GLN A 122 -8.64 8.09 -5.16
N LYS A 123 -9.06 9.31 -4.85
N LYS A 123 -9.06 9.31 -4.85
CA LYS A 123 -9.07 10.40 -5.82
CA LYS A 123 -9.07 10.39 -5.84
C LYS A 123 -7.64 10.75 -6.22
C LYS A 123 -7.64 10.78 -6.22
N ILE A 124 -6.71 10.72 -5.27
CA ILE A 124 -5.29 10.92 -5.62
C ILE A 124 -4.82 9.79 -6.57
N ALA A 125 -5.18 8.56 -6.24
CA ALA A 125 -4.84 7.42 -7.12
C ALA A 125 -5.37 7.59 -8.54
N THR A 126 -6.63 7.96 -8.70
CA THR A 126 -7.20 8.05 -10.05
C THR A 126 -6.63 9.26 -10.80
N THR A 127 -6.32 10.34 -10.06
CA THR A 127 -5.74 11.52 -10.67
C THR A 127 -4.35 11.18 -11.21
N VAL A 128 -3.58 10.46 -10.40
CA VAL A 128 -2.27 9.96 -10.81
C VAL A 128 -2.39 9.07 -12.04
N TYR A 129 -3.32 8.11 -12.01
CA TYR A 129 -3.46 7.18 -13.12
C TYR A 129 -3.89 7.87 -14.40
N ASP A 130 -4.78 8.86 -14.29
CA ASP A 130 -5.41 9.41 -15.47
C ASP A 130 -4.54 10.43 -16.18
N LYS A 131 -3.43 10.82 -15.56
CA LYS A 131 -2.47 11.71 -16.21
C LYS A 131 -1.19 11.01 -16.64
N GLY A 132 -1.21 9.68 -16.56
CA GLY A 132 -0.10 8.86 -17.04
C GLY A 132 0.93 8.50 -15.98
N GLY A 133 0.60 8.71 -14.71
CA GLY A 133 1.38 8.21 -13.59
C GLY A 133 1.20 6.72 -13.29
N VAL A 134 1.86 6.28 -12.23
CA VAL A 134 1.82 4.87 -11.85
C VAL A 134 1.10 4.75 -10.50
N VAL A 135 0.17 3.81 -10.44
N VAL A 135 0.11 3.87 -10.45
CA VAL A 135 -0.57 3.51 -9.22
CA VAL A 135 -0.52 3.52 -9.19
C VAL A 135 -0.20 2.09 -8.76
C VAL A 135 -0.04 2.14 -8.78
N SER A 136 0.09 1.96 -7.48
CA SER A 136 0.75 0.78 -6.95
C SER A 136 0.34 0.53 -5.51
N ALA A 137 0.49 -0.71 -5.08
CA ALA A 137 0.25 -1.07 -3.70
C ALA A 137 0.89 -2.40 -3.39
N VAL A 138 1.17 -2.61 -2.11
CA VAL A 138 1.72 -3.88 -1.66
C VAL A 138 0.81 -4.52 -0.59
N CYS A 139 0.78 -5.85 -0.58
CA CYS A 139 0.19 -6.63 0.52
C CYS A 139 -1.34 -6.50 0.52
N HIS A 140 -1.95 -5.87 1.54
CA HIS A 140 -3.39 -5.57 1.44
C HIS A 140 -3.69 -4.22 0.80
N GLY A 141 -2.62 -3.51 0.45
CA GLY A 141 -2.74 -2.21 -0.21
C GLY A 141 -3.70 -2.16 -1.38
N PRO A 142 -3.77 -3.23 -2.20
CA PRO A 142 -4.69 -3.22 -3.33
C PRO A 142 -6.17 -3.11 -2.96
N ALA A 143 -6.48 -3.16 -1.67
CA ALA A 143 -7.81 -2.79 -1.21
C ALA A 143 -8.19 -1.37 -1.64
N ILE A 144 -7.19 -0.54 -1.95
CA ILE A 144 -7.44 0.79 -2.49
C ILE A 144 -8.24 0.74 -3.79
N PHE A 145 -8.13 -0.37 -4.52
CA PHE A 145 -8.82 -0.49 -5.80
C PHE A 145 -10.26 -0.98 -5.64
N GLU A 146 -10.62 -1.38 -4.44
CA GLU A 146 -11.97 -1.81 -4.18
C GLU A 146 -12.92 -0.60 -4.25
N ASN A 147 -14.00 -0.75 -5.00
CA ASN A 147 -14.96 0.34 -5.24
C ASN A 147 -14.40 1.50 -6.04
N LEU A 148 -13.30 1.30 -6.75
CA LEU A 148 -12.64 2.42 -7.42
C LEU A 148 -12.85 2.39 -8.92
N ASN A 149 -13.68 3.32 -9.40
CA ASN A 149 -13.86 3.44 -10.84
C ASN A 149 -12.83 4.42 -11.40
N ASP A 150 -12.39 4.15 -12.62
CA ASP A 150 -11.50 5.08 -13.34
C ASP A 150 -12.38 6.08 -14.08
N PRO A 151 -12.24 7.37 -13.79
CA PRO A 151 -13.12 8.34 -14.45
C PRO A 151 -13.04 8.30 -15.97
N LYS A 152 -11.91 7.86 -16.50
CA LYS A 152 -11.69 7.84 -17.94
C LYS A 152 -12.47 6.71 -18.64
N THR A 153 -12.88 5.69 -17.90
CA THR A 153 -13.55 4.55 -18.50
C THR A 153 -14.98 4.33 -18.00
N GLY A 154 -15.29 4.82 -16.80
CA GLY A 154 -16.56 4.49 -16.14
C GLY A 154 -16.62 3.07 -15.64
N GLU A 155 -15.47 2.40 -15.61
CA GLU A 155 -15.36 1.03 -15.12
C GLU A 155 -14.30 0.94 -14.04
N PRO A 156 -14.32 -0.13 -13.25
CA PRO A 156 -13.30 -0.25 -12.22
C PRO A 156 -11.89 -0.06 -12.78
N LEU A 157 -11.09 0.71 -12.08
CA LEU A 157 -9.74 1.01 -12.56
C LEU A 157 -8.93 -0.26 -12.89
N ILE A 158 -9.11 -1.33 -12.12
CA ILE A 158 -8.40 -2.57 -12.39
C ILE A 158 -9.20 -3.60 -13.16
N LYS A 159 -10.34 -3.23 -13.72
CA LYS A 159 -11.09 -4.16 -14.58
C LYS A 159 -10.18 -4.61 -15.72
N GLY A 160 -10.06 -5.92 -15.91
CA GLY A 160 -9.29 -6.45 -17.03
C GLY A 160 -7.77 -6.38 -16.85
N LYS A 161 -7.34 -5.99 -15.64
CA LYS A 161 -5.93 -5.86 -15.29
C LYS A 161 -5.50 -7.03 -14.40
N LYS A 162 -4.21 -7.29 -14.39
CA LYS A 162 -3.62 -8.30 -13.51
C LYS A 162 -3.04 -7.63 -12.28
N ILE A 163 -3.36 -8.15 -11.11
CA ILE A 163 -2.79 -7.71 -9.87
C ILE A 163 -2.41 -8.89 -8.99
N THR A 164 -1.55 -8.63 -8.03
CA THR A 164 -1.34 -9.55 -6.94
C THR A 164 -1.49 -8.81 -5.61
N GLY A 165 -1.25 -9.52 -4.52
CA GLY A 165 -1.43 -8.99 -3.17
C GLY A 165 -1.45 -10.15 -2.20
N PHE A 166 -1.73 -9.85 -0.95
CA PHE A 166 -1.57 -10.84 0.13
C PHE A 166 -2.43 -12.06 -0.13
N THR A 167 -1.85 -13.24 0.07
CA THR A 167 -2.50 -14.49 -0.32
C THR A 167 -3.57 -14.93 0.67
N ASP A 168 -4.56 -15.64 0.18
CA ASP A 168 -5.56 -16.28 1.05
C ASP A 168 -4.89 -17.18 2.10
N ILE A 169 -3.93 -18.00 1.70
CA ILE A 169 -3.34 -18.91 2.66
C ILE A 169 -2.61 -18.13 3.75
N GLY A 170 -2.01 -17.01 3.38
CA GLY A 170 -1.34 -16.13 4.33
C GLY A 170 -2.29 -15.71 5.45
N GLU A 171 -3.55 -15.48 5.09
CA GLU A 171 -4.54 -15.10 6.11
C GLU A 171 -4.78 -16.21 7.12
N ASP A 172 -4.74 -17.46 6.65
CA ASP A 172 -4.87 -18.61 7.54
C ASP A 172 -3.69 -18.64 8.49
N ILE A 173 -2.50 -18.48 7.92
CA ILE A 173 -1.27 -18.63 8.69
C ILE A 173 -1.22 -17.56 9.79
N LEU A 174 -1.78 -16.39 9.50
CA LEU A 174 -1.81 -15.31 10.48
C LEU A 174 -3.02 -15.39 11.42
N GLY A 175 -3.90 -16.34 11.14
CA GLY A 175 -5.05 -16.58 11.99
C GLY A 175 -6.14 -15.52 11.89
N VAL A 176 -6.25 -14.87 10.74
CA VAL A 176 -7.25 -13.81 10.58
C VAL A 176 -8.33 -14.08 9.53
N THR A 177 -8.35 -15.27 8.95
CA THR A 177 -9.36 -15.58 7.95
C THR A 177 -10.79 -15.43 8.47
N ASP A 178 -11.08 -15.95 9.65
CA ASP A 178 -12.45 -15.91 10.17
C ASP A 178 -12.85 -14.48 10.53
N ILE A 179 -11.91 -13.76 11.13
CA ILE A 179 -12.08 -12.34 11.40
C ILE A 179 -12.47 -11.58 10.15
N MET A 180 -11.77 -11.85 9.05
CA MET A 180 -12.03 -11.17 7.79
C MET A 180 -13.40 -11.51 7.22
N LYS A 181 -13.79 -12.78 7.28
N LYS A 181 -13.74 -12.79 7.21
CA LYS A 181 -15.03 -13.22 6.69
CA LYS A 181 -15.05 -13.25 6.73
C LYS A 181 -16.23 -12.65 7.47
C LYS A 181 -16.13 -12.47 7.45
N LYS A 182 -16.05 -12.49 8.77
CA LYS A 182 -17.10 -11.97 9.63
C LYS A 182 -17.26 -10.46 9.42
N GLY A 183 -16.16 -9.79 9.09
CA GLY A 183 -16.18 -8.34 8.89
C GLY A 183 -16.44 -7.92 7.46
N ASN A 184 -16.69 -8.89 6.59
CA ASN A 184 -16.85 -8.62 5.17
C ASN A 184 -15.62 -7.90 4.65
N LEU A 185 -14.46 -8.29 5.17
CA LEU A 185 -13.20 -7.78 4.68
C LEU A 185 -12.67 -8.69 3.56
N LEU A 186 -12.49 -8.13 2.37
CA LEU A 186 -12.19 -8.96 1.21
C LEU A 186 -10.70 -9.19 1.09
N THR A 187 -10.32 -10.43 0.82
CA THR A 187 -8.95 -10.72 0.45
C THR A 187 -8.65 -10.08 -0.88
N ILE A 188 -7.39 -9.98 -1.24
CA ILE A 188 -7.06 -9.30 -2.47
C ILE A 188 -7.57 -10.08 -3.67
N LYS A 189 -7.54 -11.41 -3.59
N LYS A 189 -7.59 -11.41 -3.59
CA LYS A 189 -8.15 -12.24 -4.62
CA LYS A 189 -8.17 -12.24 -4.65
C LYS A 189 -9.62 -11.82 -4.80
C LYS A 189 -9.67 -11.97 -4.81
N GLN A 190 -10.34 -11.73 -3.68
CA GLN A 190 -11.75 -11.33 -3.70
C GLN A 190 -11.93 -9.90 -4.26
N VAL A 191 -11.01 -9.01 -3.93
CA VAL A 191 -11.04 -7.66 -4.52
C VAL A 191 -10.94 -7.72 -6.03
N ALA A 192 -9.97 -8.50 -6.53
CA ALA A 192 -9.87 -8.73 -7.97
C ALA A 192 -11.19 -9.28 -8.53
N GLU A 193 -11.78 -10.29 -7.89
CA GLU A 193 -13.01 -10.87 -8.38
C GLU A 193 -14.11 -9.82 -8.46
N LYS A 194 -14.20 -9.00 -7.42
CA LYS A 194 -15.25 -7.98 -7.33
C LYS A 194 -15.13 -6.97 -8.47
N GLU A 195 -13.90 -6.60 -8.78
CA GLU A 195 -13.61 -5.52 -9.72
C GLU A 195 -13.43 -6.02 -11.17
N GLY A 196 -13.43 -7.32 -11.38
CA GLY A 196 -13.24 -7.87 -12.72
C GLY A 196 -11.77 -7.91 -13.14
N ALA A 197 -10.88 -7.94 -12.15
CA ALA A 197 -9.45 -8.05 -12.38
C ALA A 197 -9.07 -9.54 -12.34
N THR A 198 -7.82 -9.81 -12.69
CA THR A 198 -7.27 -11.16 -12.57
C THR A 198 -6.24 -11.13 -11.46
N TYR A 199 -6.45 -11.94 -10.42
CA TYR A 199 -5.48 -12.09 -9.36
C TYR A 199 -4.42 -13.13 -9.76
N ILE A 200 -3.16 -12.72 -9.66
CA ILE A 200 -2.04 -13.62 -9.92
C ILE A 200 -1.43 -14.05 -8.58
N GLU A 201 -1.50 -15.35 -8.29
N GLU A 201 -1.53 -15.34 -8.28
CA GLU A 201 -1.05 -15.87 -7.00
CA GLU A 201 -1.04 -15.82 -7.00
C GLU A 201 0.44 -16.23 -7.08
C GLU A 201 0.46 -16.14 -7.12
N PRO A 202 1.25 -15.74 -6.12
CA PRO A 202 2.64 -16.18 -6.06
C PRO A 202 2.71 -17.68 -5.75
N GLU A 203 3.85 -18.29 -6.01
CA GLU A 203 3.99 -19.72 -5.74
C GLU A 203 3.79 -19.99 -4.25
N GLY A 204 4.35 -19.12 -3.43
CA GLY A 204 4.21 -19.23 -1.98
C GLY A 204 3.91 -17.90 -1.34
N PRO A 205 3.34 -17.91 -0.14
CA PRO A 205 2.77 -16.71 0.45
C PRO A 205 3.80 -15.65 0.84
N TRP A 206 5.06 -16.08 0.99
CA TRP A 206 6.13 -15.20 1.48
C TRP A 206 7.13 -14.83 0.39
N ASP A 207 6.79 -15.17 -0.85
CA ASP A 207 7.68 -14.92 -1.99
C ASP A 207 7.82 -13.41 -2.21
N ASN A 208 9.00 -13.02 -2.69
CA ASN A 208 9.25 -11.68 -3.21
C ASN A 208 8.71 -11.63 -4.65
N PHE A 209 7.50 -11.09 -4.80
CA PHE A 209 6.78 -11.20 -6.07
C PHE A 209 5.95 -9.96 -6.32
N THR A 210 6.05 -9.48 -7.56
CA THR A 210 5.24 -8.38 -8.04
C THR A 210 4.62 -8.69 -9.40
N VAL A 211 3.58 -7.91 -9.70
CA VAL A 211 2.93 -7.97 -11.01
C VAL A 211 2.85 -6.55 -11.55
N THR A 212 3.29 -6.37 -12.80
CA THR A 212 3.15 -5.09 -13.49
C THR A 212 2.17 -5.29 -14.63
N ASP A 213 1.13 -4.45 -14.67
CA ASP A 213 0.24 -4.39 -15.80
C ASP A 213 0.19 -2.95 -16.24
N GLY A 214 1.03 -2.61 -17.21
CA GLY A 214 1.17 -1.24 -17.66
C GLY A 214 1.65 -0.36 -16.53
N ARG A 215 0.79 0.54 -16.08
CA ARG A 215 1.12 1.49 -15.02
C ARG A 215 0.45 1.13 -13.68
N ILE A 216 0.08 -0.14 -13.55
CA ILE A 216 -0.38 -0.68 -12.27
C ILE A 216 0.64 -1.71 -11.80
N VAL A 217 1.17 -1.49 -10.60
CA VAL A 217 2.20 -2.38 -10.04
C VAL A 217 1.79 -2.81 -8.65
N THR A 218 1.73 -4.11 -8.42
CA THR A 218 1.36 -4.62 -7.11
C THR A 218 2.36 -5.66 -6.62
N GLY A 219 2.44 -5.81 -5.29
CA GLY A 219 3.29 -6.83 -4.66
C GLY A 219 2.57 -7.54 -3.54
N VAL A 220 3.12 -8.68 -3.12
CA VAL A 220 2.34 -9.63 -2.32
C VAL A 220 2.28 -9.30 -0.81
N ASN A 221 3.38 -8.80 -0.27
CA ASN A 221 3.70 -8.96 1.15
C ASN A 221 4.83 -8.06 1.59
N PRO A 222 5.17 -8.07 2.90
CA PRO A 222 6.26 -7.21 3.34
C PRO A 222 7.57 -7.53 2.61
N GLN A 223 7.77 -8.81 2.30
CA GLN A 223 8.97 -9.27 1.59
C GLN A 223 9.09 -8.67 0.20
N SER A 224 7.98 -8.20 -0.37
CA SER A 224 7.93 -7.70 -1.74
C SER A 224 7.97 -6.19 -1.86
N ALA A 225 8.05 -5.49 -0.73
CA ALA A 225 7.88 -4.04 -0.75
C ALA A 225 8.98 -3.32 -1.53
N VAL A 226 10.24 -3.71 -1.32
CA VAL A 226 11.33 -3.12 -2.08
C VAL A 226 11.09 -3.32 -3.58
N LYS A 227 10.80 -4.56 -3.98
CA LYS A 227 10.67 -4.86 -5.39
C LYS A 227 9.48 -4.11 -5.98
N THR A 228 8.41 -3.94 -5.20
CA THR A 228 7.24 -3.22 -5.69
C THR A 228 7.64 -1.79 -6.03
N ALA A 229 8.35 -1.13 -5.13
CA ALA A 229 8.86 0.22 -5.38
C ALA A 229 9.81 0.29 -6.57
N GLU A 230 10.72 -0.67 -6.67
CA GLU A 230 11.65 -0.70 -7.78
C GLU A 230 10.88 -0.88 -9.08
N ASP A 231 9.86 -1.73 -9.07
CA ASP A 231 9.10 -2.01 -10.30
C ASP A 231 8.14 -0.86 -10.64
N VAL A 232 7.74 -0.07 -9.64
CA VAL A 232 7.07 1.19 -9.91
C VAL A 232 7.99 2.11 -10.72
N ILE A 233 9.22 2.27 -10.26
CA ILE A 233 10.19 3.11 -11.00
C ILE A 233 10.35 2.61 -12.44
N ALA A 234 10.47 1.29 -12.60
CA ALA A 234 10.62 0.69 -13.92
C ALA A 234 9.44 1.02 -14.83
N ALA A 235 8.24 1.01 -14.27
CA ALA A 235 7.02 1.21 -15.06
C ALA A 235 6.82 2.69 -15.39
N PHE A 236 7.35 3.55 -14.52
CA PHE A 236 7.10 5.00 -14.52
C PHE A 236 8.07 5.71 -15.44
N GLU A 237 9.33 5.29 -15.41
CA GLU A 237 10.40 5.85 -16.25
C GLU A 237 10.51 5.10 -17.59
N CYS A 238 11.28 5.61 -18.53
CA CYS A 238 11.49 4.83 -19.75
C CYS A 238 12.83 4.10 -19.89
N ASN A 239 13.55 3.89 -18.78
CA ASN A 239 14.46 4.88 -18.20
C ASN A 239 15.44 5.47 -19.22
C1 EDO B . 15.96 -0.45 -0.15
O1 EDO B . 16.52 0.80 -0.57
C2 EDO B . 15.23 -0.31 1.18
O2 EDO B . 16.05 0.39 2.13
C ACT C . 11.96 -0.84 17.81
O ACT C . 12.67 -1.73 17.28
OXT ACT C . 12.43 0.27 18.18
CH3 ACT C . 10.50 -1.13 18.02
#